data_5P9X
#
_entry.id   5P9X
#
_cell.length_a   49.964
_cell.length_b   54.087
_cell.length_c   80.776
_cell.angle_alpha   90.000
_cell.angle_beta   90.000
_cell.angle_gamma   90.000
#
_symmetry.space_group_name_H-M   'P 21 21 21'
#
loop_
_entity.id
_entity.type
_entity.pdbx_description
1 polymer 'Catechol O-methyltransferase'
2 non-polymer 'MAGNESIUM ION'
3 non-polymer 'CHLORIDE ION'
4 non-polymer 'SULFATE ION'
5 non-polymer '2-[N-CYCLOHEXYLAMINO]ETHANE SULFONIC ACID'
6 non-polymer N-[1-[(2R,3S,4R,5R)-5-(6-aminopurin-9-yl)-3,4-dihydroxyoxolan-2-yl]propan-2-yl]-5-(4-fluorophenyl)-2,3-dihydroxybenzamide
7 water water
#
_entity_poly.entity_id   1
_entity_poly.type   'polypeptide(L)'
_entity_poly.pdbx_seq_one_letter_code
;MGDTKEQRILRYVQQNAKPGDPQSVLEAIDTYCTQKEWAMNVGDAKGQIMDAVIREYSPSLVLELGAYCGYSAVRMARLL
QPGARLLTMEINPDCAAITQQMLNFAGLQDKVTILNGASQDLIPQLKKKYDVDTLDMVFLDHWKDRYLPDTLLLEKCGLL
RKGTVLLADNVIVPGTPDFLAYVRGSSSFECTHYSSYLEYMKVVDGLEKAIYQGPSSPDKS
;
_entity_poly.pdbx_strand_id   A
#
loop_
_chem_comp.id
_chem_comp.type
_chem_comp.name
_chem_comp.formula
7JO non-polymer N-[1-[(2R,3S,4R,5R)-5-(6-aminopurin-9-yl)-3,4-dihydroxyoxolan-2-yl]propan-2-yl]-5-(4-fluorophenyl)-2,3-dihydroxybenzamide 'C25 H25 F N6 O6'
CL non-polymer 'CHLORIDE ION' 'Cl -1'
MG non-polymer 'MAGNESIUM ION' 'Mg 2'
NHE non-polymer '2-[N-CYCLOHEXYLAMINO]ETHANE SULFONIC ACID' 'C8 H17 N O3 S'
SO4 non-polymer 'SULFATE ION' 'O4 S -2'
#
# COMPACT_ATOMS: atom_id res chain seq x y z
N ASP A 3 10.78 16.71 17.10
CA ASP A 3 9.92 16.07 16.03
C ASP A 3 10.26 14.61 15.73
N THR A 4 9.41 13.96 14.96
CA THR A 4 9.56 12.53 14.67
C THR A 4 10.25 12.36 13.32
N LYS A 5 10.69 11.15 13.09
CA LYS A 5 11.27 10.75 11.81
CA LYS A 5 11.27 10.78 11.81
C LYS A 5 10.28 11.08 10.66
N GLU A 6 9.01 10.78 10.88
CA GLU A 6 8.02 10.98 9.84
C GLU A 6 7.86 12.45 9.50
N GLN A 7 7.86 13.30 10.53
CA GLN A 7 7.83 14.72 10.32
CA GLN A 7 7.83 14.74 10.35
C GLN A 7 9.05 15.21 9.57
N ARG A 8 10.22 14.65 9.88
CA ARG A 8 11.43 15.03 9.15
C ARG A 8 11.35 14.65 7.67
N ILE A 9 10.79 13.48 7.39
CA ILE A 9 10.63 13.05 6.02
C ILE A 9 9.71 14.04 5.28
N LEU A 10 8.57 14.38 5.86
CA LEU A 10 7.65 15.28 5.23
C LEU A 10 8.34 16.65 4.95
N ARG A 11 9.03 17.17 5.94
CA ARG A 11 9.72 18.44 5.78
C ARG A 11 10.77 18.36 4.67
N TYR A 12 11.47 17.22 4.61
CA TYR A 12 12.48 17.06 3.57
C TYR A 12 11.81 17.10 2.19
N VAL A 13 10.68 16.42 2.02
CA VAL A 13 9.99 16.46 0.77
C VAL A 13 9.57 17.88 0.41
N GLN A 14 8.97 18.59 1.36
CA GLN A 14 8.51 19.94 1.11
C GLN A 14 9.64 20.87 0.66
N GLN A 15 10.86 20.57 1.09
CA GLN A 15 12.02 21.42 0.83
C GLN A 15 12.94 20.91 -0.30
N ASN A 16 12.65 19.70 -0.83
CA ASN A 16 13.55 19.08 -1.85
C ASN A 16 12.79 18.48 -3.02
N ALA A 17 11.48 18.64 -3.07
CA ALA A 17 10.70 18.19 -4.18
C ALA A 17 9.91 19.38 -4.73
N LYS A 18 9.28 19.16 -5.88
CA LYS A 18 8.44 20.17 -6.53
C LYS A 18 6.97 19.92 -6.25
N PRO A 19 6.23 20.94 -5.76
CA PRO A 19 4.82 20.71 -5.50
C PRO A 19 4.13 20.26 -6.74
N GLY A 20 3.25 19.28 -6.65
CA GLY A 20 2.51 18.81 -7.83
C GLY A 20 3.24 17.81 -8.68
N ASP A 21 4.43 17.36 -8.25
CA ASP A 21 5.29 16.46 -9.04
C ASP A 21 5.54 15.20 -8.21
N PRO A 22 4.69 14.19 -8.41
CA PRO A 22 4.85 12.97 -7.60
C PRO A 22 6.18 12.25 -7.69
N GLN A 23 6.73 12.19 -8.89
CA GLN A 23 8.00 11.54 -9.06
C GLN A 23 9.07 12.23 -8.19
N SER A 24 9.05 13.57 -8.15
CA SER A 24 10.03 14.29 -7.32
C SER A 24 9.85 13.97 -5.84
N VAL A 25 8.60 13.78 -5.41
CA VAL A 25 8.32 13.38 -4.06
C VAL A 25 8.94 12.01 -3.72
N LEU A 26 8.70 11.03 -4.58
CA LEU A 26 9.28 9.68 -4.38
C LEU A 26 10.81 9.76 -4.33
N GLU A 27 11.42 10.54 -5.24
CA GLU A 27 12.87 10.67 -5.27
C GLU A 27 13.40 11.25 -3.97
N ALA A 28 12.69 12.27 -3.46
CA ALA A 28 13.10 12.93 -2.24
C ALA A 28 13.05 11.98 -1.05
N ILE A 29 11.98 11.20 -0.98
CA ILE A 29 11.84 10.24 0.11
C ILE A 29 12.93 9.17 0.03
N ASP A 30 13.19 8.69 -1.18
CA ASP A 30 14.22 7.67 -1.35
C ASP A 30 15.62 8.22 -0.96
N THR A 31 15.88 9.46 -1.36
CA THR A 31 17.15 10.07 -0.97
C THR A 31 17.24 10.22 0.54
N TYR A 32 16.22 10.71 1.20
CA TYR A 32 16.29 10.88 2.62
C TYR A 32 16.51 9.55 3.29
N CYS A 33 15.84 8.51 2.81
CA CYS A 33 15.89 7.21 3.51
C CYS A 33 17.17 6.46 3.26
N THR A 34 17.86 6.81 2.19
CA THR A 34 19.15 6.21 1.89
CA THR A 34 19.14 6.17 1.94
C THR A 34 20.30 6.93 2.62
N GLN A 35 20.20 8.23 2.76
CA GLN A 35 21.30 9.07 3.20
C GLN A 35 21.17 9.58 4.62
N LYS A 36 19.94 9.71 5.10
CA LYS A 36 19.69 10.31 6.41
C LYS A 36 19.22 9.27 7.44
N GLU A 37 18.02 8.73 7.26
CA GLU A 37 17.38 7.82 8.23
C GLU A 37 16.50 6.83 7.47
N TRP A 38 16.73 5.55 7.66
CA TRP A 38 15.87 4.53 7.13
C TRP A 38 14.46 4.71 7.56
N ALA A 39 13.52 4.35 6.72
CA ALA A 39 12.09 4.28 7.10
C ALA A 39 11.40 3.23 6.25
N MET A 40 10.30 2.70 6.79
CA MET A 40 9.57 1.55 6.26
CA MET A 40 9.64 1.53 6.20
C MET A 40 8.66 1.83 5.07
N ASN A 41 9.09 2.71 4.19
CA ASN A 41 8.37 2.94 2.92
C ASN A 41 8.64 1.72 2.04
N VAL A 42 7.81 1.44 1.05
CA VAL A 42 8.00 0.20 0.27
CA VAL A 42 7.98 0.25 0.25
C VAL A 42 9.31 0.31 -0.52
N GLY A 43 9.78 1.54 -0.82
CA GLY A 43 11.09 1.75 -1.50
C GLY A 43 11.04 1.61 -2.98
N ASP A 44 12.17 1.93 -3.58
CA ASP A 44 12.33 1.92 -5.02
C ASP A 44 12.36 0.54 -5.66
N ALA A 45 13.00 -0.44 -5.01
CA ALA A 45 13.17 -1.79 -5.55
C ALA A 45 11.78 -2.45 -5.68
N LYS A 46 11.10 -2.61 -4.55
CA LYS A 46 9.76 -3.13 -4.58
C LYS A 46 8.78 -2.19 -5.28
N GLY A 47 8.99 -0.89 -5.13
CA GLY A 47 8.14 0.08 -5.78
C GLY A 47 8.12 -0.03 -7.30
N GLN A 48 9.24 -0.42 -7.92
CA GLN A 48 9.23 -0.64 -9.38
C GLN A 48 8.33 -1.82 -9.74
N ILE A 49 8.30 -2.86 -8.89
CA ILE A 49 7.39 -4.00 -9.17
C ILE A 49 5.94 -3.56 -9.02
N MET A 50 5.64 -2.80 -7.96
CA MET A 50 4.32 -2.26 -7.73
CA MET A 50 4.31 -2.26 -7.76
C MET A 50 3.88 -1.45 -8.97
N ASP A 51 4.74 -0.58 -9.46
CA ASP A 51 4.43 0.21 -10.64
C ASP A 51 4.02 -0.68 -11.83
N ALA A 52 4.76 -1.75 -12.04
CA ALA A 52 4.53 -2.66 -13.17
C ALA A 52 3.16 -3.34 -12.99
N VAL A 53 2.80 -3.68 -11.75
CA VAL A 53 1.50 -4.32 -11.47
C VAL A 53 0.36 -3.32 -11.67
N ILE A 54 0.52 -2.10 -11.21
CA ILE A 54 -0.51 -1.10 -11.32
C ILE A 54 -0.73 -0.85 -12.83
N ARG A 55 0.33 -0.70 -13.61
CA ARG A 55 0.17 -0.43 -15.04
CA ARG A 55 0.20 -0.44 -15.05
C ARG A 55 -0.49 -1.63 -15.74
N GLU A 56 -0.18 -2.85 -15.33
CA GLU A 56 -0.79 -4.01 -15.99
C GLU A 56 -2.33 -4.02 -15.83
N TYR A 57 -2.82 -3.75 -14.60
CA TYR A 57 -4.21 -3.86 -14.27
C TYR A 57 -5.04 -2.60 -14.36
N SER A 58 -4.39 -1.44 -14.41
CA SER A 58 -5.08 -0.15 -14.42
CA SER A 58 -5.07 -0.15 -14.41
C SER A 58 -6.33 -0.14 -13.55
N PRO A 59 -6.16 -0.39 -12.25
CA PRO A 59 -7.38 -0.53 -11.39
C PRO A 59 -8.14 0.78 -11.27
N SER A 60 -9.47 0.68 -11.20
CA SER A 60 -10.27 1.90 -11.03
C SER A 60 -10.44 2.21 -9.52
N LEU A 61 -10.34 1.19 -8.64
CA LEU A 61 -10.53 1.37 -7.21
C LEU A 61 -9.53 0.48 -6.45
N VAL A 62 -8.60 1.11 -5.77
CA VAL A 62 -7.58 0.46 -4.98
C VAL A 62 -7.83 0.76 -3.51
N LEU A 63 -7.61 -0.24 -2.67
CA LEU A 63 -7.59 -0.10 -1.22
C LEU A 63 -6.17 -0.39 -0.73
N GLU A 64 -5.60 0.51 0.06
CA GLU A 64 -4.32 0.30 0.75
C GLU A 64 -4.54 0.18 2.23
N LEU A 65 -3.90 -0.84 2.80
CA LEU A 65 -3.89 -1.03 4.26
C LEU A 65 -2.53 -0.66 4.79
N GLY A 66 -2.45 0.42 5.58
N GLY A 66 -2.46 0.39 5.61
CA GLY A 66 -1.22 0.82 6.26
CA GLY A 66 -1.22 0.82 6.21
C GLY A 66 -0.36 1.90 5.60
C GLY A 66 -0.47 1.85 5.38
N ALA A 67 -0.92 3.09 5.43
CA ALA A 67 -0.35 4.14 4.59
C ALA A 67 1.04 4.61 5.00
N TYR A 68 1.29 4.65 6.28
CA TYR A 68 2.49 5.16 6.88
C TYR A 68 2.69 6.68 6.53
N CYS A 69 3.63 7.04 5.67
CA CYS A 69 3.85 8.43 5.29
C CYS A 69 3.30 8.75 3.94
N GLY A 70 2.65 7.77 3.27
CA GLY A 70 2.08 8.02 1.95
C GLY A 70 2.92 7.72 0.74
N TYR A 71 4.09 7.11 0.92
CA TYR A 71 4.94 6.80 -0.20
C TYR A 71 4.25 5.93 -1.22
N SER A 72 3.73 4.81 -0.75
CA SER A 72 3.04 3.91 -1.69
CA SER A 72 3.04 3.90 -1.67
C SER A 72 1.78 4.50 -2.27
N ALA A 73 1.09 5.35 -1.52
CA ALA A 73 -0.11 5.99 -1.99
C ALA A 73 0.28 6.98 -3.11
N VAL A 74 1.38 7.70 -2.94
CA VAL A 74 1.87 8.53 -4.04
C VAL A 74 2.22 7.66 -5.25
N ARG A 75 2.91 6.56 -4.97
CA ARG A 75 3.38 5.74 -6.04
C ARG A 75 2.24 5.20 -6.91
N MET A 76 1.20 4.70 -6.24
CA MET A 76 0.05 4.10 -6.93
C MET A 76 -0.81 5.18 -7.57
N ALA A 77 -1.12 6.24 -6.82
CA ALA A 77 -2.04 7.23 -7.31
C ALA A 77 -1.48 7.98 -8.53
N ARG A 78 -0.17 8.16 -8.63
CA ARG A 78 0.40 8.86 -9.76
C ARG A 78 0.20 8.06 -11.07
N LEU A 79 -0.06 6.76 -11.01
CA LEU A 79 -0.23 5.94 -12.18
C LEU A 79 -1.67 5.59 -12.46
N LEU A 80 -2.60 6.04 -11.61
CA LEU A 80 -4.03 5.78 -11.85
C LEU A 80 -4.56 6.62 -13.01
N GLN A 81 -5.54 6.08 -13.74
CA GLN A 81 -6.15 6.78 -14.85
C GLN A 81 -7.05 7.87 -14.29
N PRO A 82 -7.38 8.86 -15.14
CA PRO A 82 -8.31 9.88 -14.68
C PRO A 82 -9.61 9.30 -14.14
N GLY A 83 -10.05 9.82 -13.01
CA GLY A 83 -11.24 9.31 -12.37
C GLY A 83 -11.07 8.05 -11.50
N ALA A 84 -9.97 7.32 -11.63
CA ALA A 84 -9.71 6.21 -10.71
C ALA A 84 -9.34 6.72 -9.30
N ARG A 85 -9.54 5.87 -8.28
CA ARG A 85 -9.42 6.28 -6.90
C ARG A 85 -8.70 5.28 -6.02
N LEU A 86 -8.01 5.80 -5.01
CA LEU A 86 -7.35 5.04 -3.99
C LEU A 86 -7.93 5.43 -2.65
N LEU A 87 -8.23 4.44 -1.83
CA LEU A 87 -8.59 4.60 -0.45
C LEU A 87 -7.49 3.97 0.37
N THR A 88 -6.94 4.68 1.35
CA THR A 88 -5.87 4.17 2.15
CA THR A 88 -5.86 4.18 2.19
C THR A 88 -6.20 4.36 3.64
N MET A 89 -5.84 3.36 4.42
CA MET A 89 -6.17 3.34 5.82
C MET A 89 -4.89 3.39 6.65
N GLU A 90 -4.94 4.16 7.75
CA GLU A 90 -3.80 4.27 8.65
C GLU A 90 -4.30 4.48 10.04
N ILE A 91 -3.90 3.60 10.95
CA ILE A 91 -4.38 3.60 12.33
C ILE A 91 -3.73 4.66 13.21
N ASN A 92 -2.52 5.09 12.88
CA ASN A 92 -1.80 6.04 13.67
C ASN A 92 -2.18 7.44 13.21
N PRO A 93 -2.78 8.25 14.08
CA PRO A 93 -3.30 9.54 13.61
C PRO A 93 -2.23 10.52 13.12
N ASP A 94 -1.05 10.51 13.76
CA ASP A 94 0.06 11.32 13.32
C ASP A 94 0.49 10.97 11.90
N CYS A 95 0.56 9.67 11.63
CA CYS A 95 0.96 9.20 10.28
C CYS A 95 -0.16 9.46 9.28
N ALA A 96 -1.42 9.36 9.66
CA ALA A 96 -2.48 9.71 8.75
C ALA A 96 -2.37 11.16 8.35
N ALA A 97 -2.10 12.06 9.29
CA ALA A 97 -1.92 13.49 8.94
C ALA A 97 -0.70 13.71 8.06
N ILE A 98 0.42 13.00 8.31
CA ILE A 98 1.56 13.12 7.41
CA ILE A 98 1.59 13.07 7.43
C ILE A 98 1.17 12.65 6.01
N THR A 99 0.48 11.53 5.91
CA THR A 99 0.10 10.99 4.60
C THR A 99 -0.78 12.01 3.87
N GLN A 100 -1.72 12.61 4.56
CA GLN A 100 -2.58 13.61 3.92
C GLN A 100 -1.75 14.76 3.35
N GLN A 101 -0.80 15.25 4.16
CA GLN A 101 0.01 16.36 3.75
C GLN A 101 0.95 15.98 2.62
N MET A 102 1.42 14.73 2.62
CA MET A 102 2.26 14.24 1.53
C MET A 102 1.49 14.21 0.19
N LEU A 103 0.27 13.71 0.22
CA LEU A 103 -0.59 13.68 -0.94
C LEU A 103 -0.92 15.08 -1.43
N ASN A 104 -1.17 16.01 -0.50
CA ASN A 104 -1.52 17.36 -0.84
C ASN A 104 -0.31 17.96 -1.56
N PHE A 105 0.90 17.77 -1.00
CA PHE A 105 2.06 18.35 -1.63
C PHE A 105 2.24 17.77 -3.07
N ALA A 106 1.99 16.47 -3.23
CA ALA A 106 2.16 15.77 -4.52
C ALA A 106 1.09 16.17 -5.52
N GLY A 107 0.01 16.82 -5.10
CA GLY A 107 -1.10 17.18 -5.93
C GLY A 107 -2.02 16.02 -6.25
N LEU A 108 -2.02 15.00 -5.41
CA LEU A 108 -2.84 13.83 -5.65
C LEU A 108 -4.08 13.74 -4.75
N GLN A 109 -4.37 14.80 -4.03
CA GLN A 109 -5.38 14.75 -2.97
C GLN A 109 -6.78 14.46 -3.53
N ASP A 110 -7.04 14.80 -4.79
CA ASP A 110 -8.35 14.53 -5.40
C ASP A 110 -8.56 13.05 -5.73
N LYS A 111 -7.47 12.30 -5.87
CA LYS A 111 -7.50 10.89 -6.21
C LYS A 111 -7.49 9.92 -5.05
N VAL A 112 -7.16 10.44 -3.87
CA VAL A 112 -6.91 9.62 -2.70
C VAL A 112 -7.70 10.07 -1.51
N THR A 113 -8.28 9.10 -0.80
CA THR A 113 -8.93 9.34 0.50
C THR A 113 -8.11 8.62 1.55
N ILE A 114 -7.62 9.33 2.55
CA ILE A 114 -6.83 8.74 3.62
C ILE A 114 -7.75 8.69 4.81
N LEU A 115 -8.02 7.49 5.25
CA LEU A 115 -8.89 7.28 6.39
C LEU A 115 -8.07 6.95 7.64
N ASN A 116 -8.27 7.72 8.71
CA ASN A 116 -7.64 7.46 9.99
C ASN A 116 -8.43 6.45 10.82
N GLY A 117 -7.94 5.22 10.93
CA GLY A 117 -8.65 4.22 11.67
C GLY A 117 -8.00 2.86 11.39
N ALA A 118 -8.41 1.87 12.15
CA ALA A 118 -7.96 0.45 12.02
C ALA A 118 -8.72 -0.25 10.91
N SER A 119 -7.98 -0.93 10.06
CA SER A 119 -8.55 -1.62 8.93
C SER A 119 -9.71 -2.53 9.31
N GLN A 120 -9.62 -3.22 10.44
CA GLN A 120 -10.66 -4.16 10.80
C GLN A 120 -11.96 -3.46 11.19
N ASP A 121 -11.88 -2.17 11.58
CA ASP A 121 -13.09 -1.39 11.90
C ASP A 121 -13.63 -0.69 10.65
N LEU A 122 -12.75 -0.28 9.74
CA LEU A 122 -13.17 0.48 8.58
C LEU A 122 -13.64 -0.38 7.40
N ILE A 123 -13.04 -1.55 7.21
CA ILE A 123 -13.43 -2.43 6.12
C ILE A 123 -14.90 -2.74 6.10
N PRO A 124 -15.49 -3.04 7.27
CA PRO A 124 -16.94 -3.32 7.24
C PRO A 124 -17.84 -2.15 6.95
N GLN A 125 -17.28 -0.93 6.93
CA GLN A 125 -17.97 0.30 6.52
C GLN A 125 -17.87 0.70 5.08
N LEU A 126 -17.00 0.04 4.31
CA LEU A 126 -16.73 0.51 2.97
C LEU A 126 -17.97 0.55 2.08
N LYS A 127 -18.79 -0.49 2.14
CA LYS A 127 -19.96 -0.51 1.29
C LYS A 127 -21.03 0.54 1.63
N LYS A 128 -21.47 0.60 2.89
CA LYS A 128 -22.55 1.53 3.27
C LYS A 128 -22.09 2.98 3.44
N LYS A 129 -20.87 3.18 3.95
CA LYS A 129 -20.38 4.52 4.24
C LYS A 129 -19.56 5.12 3.09
N TYR A 130 -18.73 4.33 2.42
CA TYR A 130 -17.84 4.84 1.34
C TYR A 130 -18.29 4.44 -0.04
N ASP A 131 -19.50 3.89 -0.13
CA ASP A 131 -20.13 3.56 -1.42
C ASP A 131 -19.28 2.66 -2.33
N VAL A 132 -18.59 1.69 -1.73
CA VAL A 132 -17.77 0.76 -2.47
C VAL A 132 -18.65 -0.43 -2.89
N ASP A 133 -18.56 -0.86 -4.14
CA ASP A 133 -19.11 -2.15 -4.54
C ASP A 133 -18.07 -3.24 -4.30
N THR A 134 -17.12 -3.40 -5.23
CA THR A 134 -16.01 -4.30 -5.01
C THR A 134 -14.71 -3.57 -5.34
N LEU A 135 -13.60 -4.11 -4.87
CA LEU A 135 -12.30 -3.54 -5.04
C LEU A 135 -11.61 -4.19 -6.24
N ASP A 136 -10.86 -3.39 -6.99
CA ASP A 136 -10.07 -3.94 -8.09
C ASP A 136 -8.69 -4.44 -7.63
N MET A 137 -8.13 -3.79 -6.60
CA MET A 137 -6.81 -4.14 -6.11
CA MET A 137 -6.80 -4.11 -6.12
C MET A 137 -6.75 -3.74 -4.63
N VAL A 138 -5.98 -4.52 -3.88
CA VAL A 138 -5.73 -4.24 -2.46
C VAL A 138 -4.21 -4.36 -2.24
N PHE A 139 -3.60 -3.31 -1.66
CA PHE A 139 -2.22 -3.36 -1.28
C PHE A 139 -2.15 -3.52 0.23
N LEU A 140 -1.60 -4.63 0.67
CA LEU A 140 -1.46 -4.95 2.11
CA LEU A 140 -1.47 -4.97 2.11
C LEU A 140 -0.08 -4.60 2.61
N ASP A 141 -0.02 -3.66 3.54
CA ASP A 141 1.26 -3.19 4.06
C ASP A 141 1.16 -2.76 5.50
N HIS A 142 0.17 -3.24 6.22
CA HIS A 142 -0.09 -2.90 7.65
C HIS A 142 0.54 -3.91 8.55
N TRP A 143 0.03 -4.10 9.75
CA TRP A 143 0.69 -5.06 10.68
CA TRP A 143 0.59 -5.06 10.72
C TRP A 143 0.65 -6.47 10.07
N LYS A 144 1.78 -7.14 10.11
CA LYS A 144 1.97 -8.30 9.26
C LYS A 144 1.05 -9.44 9.69
N ASP A 145 0.68 -9.48 10.98
CA ASP A 145 -0.21 -10.52 11.44
CA ASP A 145 -0.22 -10.51 11.47
C ASP A 145 -1.65 -10.23 11.11
N ARG A 146 -1.93 -9.09 10.48
CA ARG A 146 -3.28 -8.76 10.09
CA ARG A 146 -3.30 -8.74 10.09
C ARG A 146 -3.57 -9.06 8.60
N TYR A 147 -2.56 -9.44 7.83
CA TYR A 147 -2.79 -9.69 6.41
C TYR A 147 -3.82 -10.77 6.19
N LEU A 148 -3.69 -11.87 6.94
CA LEU A 148 -4.65 -12.97 6.77
C LEU A 148 -6.04 -12.63 7.30
N PRO A 149 -6.15 -12.18 8.56
CA PRO A 149 -7.49 -11.85 9.02
C PRO A 149 -8.19 -10.80 8.17
N ASP A 150 -7.46 -9.80 7.72
CA ASP A 150 -8.17 -8.79 6.92
C ASP A 150 -8.52 -9.26 5.46
N THR A 151 -7.72 -10.18 4.88
CA THR A 151 -8.10 -10.83 3.64
C THR A 151 -9.43 -11.57 3.78
N LEU A 152 -9.54 -12.31 4.88
CA LEU A 152 -10.75 -13.08 5.16
C LEU A 152 -11.94 -12.16 5.43
N LEU A 153 -11.68 -11.03 6.11
CA LEU A 153 -12.68 -10.04 6.37
C LEU A 153 -13.17 -9.38 5.08
N LEU A 154 -12.22 -9.05 4.19
CA LEU A 154 -12.58 -8.50 2.89
C LEU A 154 -13.51 -9.44 2.12
N GLU A 155 -13.22 -10.72 2.14
CA GLU A 155 -14.08 -11.68 1.45
C GLU A 155 -15.47 -11.74 2.12
N LYS A 156 -15.49 -11.80 3.45
CA LYS A 156 -16.74 -11.89 4.15
CA LYS A 156 -16.73 -11.85 4.21
C LYS A 156 -17.64 -10.70 3.86
N CYS A 157 -17.06 -9.50 3.74
CA CYS A 157 -17.79 -8.30 3.47
C CYS A 157 -18.23 -8.14 2.04
N GLY A 158 -17.89 -9.09 1.17
CA GLY A 158 -18.28 -9.04 -0.27
C GLY A 158 -17.51 -8.03 -1.07
N LEU A 159 -16.30 -7.72 -0.67
CA LEU A 159 -15.52 -6.68 -1.30
C LEU A 159 -14.59 -7.18 -2.40
N LEU A 160 -14.41 -8.48 -2.51
CA LEU A 160 -13.57 -9.09 -3.53
C LEU A 160 -14.46 -9.58 -4.65
N ARG A 161 -13.93 -9.51 -5.86
CA ARG A 161 -14.57 -10.08 -7.05
C ARG A 161 -13.59 -10.96 -7.78
N LYS A 162 -14.08 -11.72 -8.73
CA LYS A 162 -13.18 -12.44 -9.62
C LYS A 162 -12.19 -11.52 -10.29
N GLY A 163 -10.91 -11.78 -10.09
CA GLY A 163 -9.88 -10.90 -10.64
C GLY A 163 -9.32 -9.86 -9.68
N THR A 164 -9.92 -9.67 -8.52
CA THR A 164 -9.33 -8.67 -7.60
C THR A 164 -7.88 -9.04 -7.31
N VAL A 165 -6.99 -8.08 -7.37
CA VAL A 165 -5.52 -8.33 -7.20
C VAL A 165 -5.14 -7.94 -5.76
N LEU A 166 -4.74 -8.90 -4.95
CA LEU A 166 -4.09 -8.56 -3.67
C LEU A 166 -2.58 -8.50 -3.91
N LEU A 167 -1.95 -7.45 -3.46
CA LEU A 167 -0.50 -7.31 -3.53
C LEU A 167 0.01 -7.02 -2.12
N ALA A 168 0.86 -7.88 -1.62
CA ALA A 168 1.28 -7.91 -0.23
C ALA A 168 2.77 -7.59 -0.11
N ASP A 169 3.10 -6.55 0.65
CA ASP A 169 4.49 -6.23 0.94
C ASP A 169 5.03 -7.12 2.08
N ASN A 170 6.33 -7.25 2.15
CA ASN A 170 7.00 -7.78 3.34
C ASN A 170 6.71 -9.24 3.62
N VAL A 171 6.47 -10.02 2.57
CA VAL A 171 6.10 -11.40 2.81
C VAL A 171 7.28 -12.23 3.28
N ILE A 172 8.51 -11.72 3.11
CA ILE A 172 9.72 -12.36 3.63
C ILE A 172 10.26 -11.66 4.88
N VAL A 173 10.34 -10.34 4.88
CA VAL A 173 10.86 -9.54 6.03
C VAL A 173 9.90 -8.35 6.20
N PRO A 174 9.27 -8.20 7.37
CA PRO A 174 9.29 -9.11 8.50
C PRO A 174 8.70 -10.49 8.30
N GLY A 175 7.91 -10.66 7.26
CA GLY A 175 7.33 -11.95 6.93
C GLY A 175 5.88 -12.03 7.32
N THR A 176 5.11 -12.78 6.51
CA THR A 176 3.69 -12.99 6.80
CA THR A 176 3.68 -12.98 6.71
C THR A 176 3.37 -14.47 6.50
N PRO A 177 3.94 -15.34 7.33
CA PRO A 177 3.87 -16.77 6.98
C PRO A 177 2.47 -17.37 6.93
N ASP A 178 1.56 -16.99 7.84
CA ASP A 178 0.22 -17.52 7.76
C ASP A 178 -0.52 -17.10 6.48
N PHE A 179 -0.39 -15.83 6.12
CA PHE A 179 -1.00 -15.31 4.91
C PHE A 179 -0.47 -16.02 3.67
N LEU A 180 0.85 -16.25 3.61
CA LEU A 180 1.45 -16.84 2.39
C LEU A 180 0.99 -18.29 2.30
N ALA A 181 1.00 -19.03 3.43
CA ALA A 181 0.57 -20.43 3.39
C ALA A 181 -0.87 -20.50 2.92
N TYR A 182 -1.67 -19.63 3.49
CA TYR A 182 -3.07 -19.63 3.16
C TYR A 182 -3.34 -19.35 1.66
N VAL A 183 -2.86 -18.22 1.13
CA VAL A 183 -3.18 -17.91 -0.25
C VAL A 183 -2.57 -18.90 -1.21
N ARG A 184 -1.37 -19.36 -0.91
CA ARG A 184 -0.71 -20.34 -1.79
C ARG A 184 -1.42 -21.67 -1.78
N GLY A 185 -2.10 -22.02 -0.71
CA GLY A 185 -2.76 -23.32 -0.63
C GLY A 185 -4.22 -23.28 -1.01
N SER A 186 -4.76 -22.12 -1.29
CA SER A 186 -6.20 -21.92 -1.51
C SER A 186 -6.52 -21.95 -2.98
N SER A 187 -7.55 -22.71 -3.35
CA SER A 187 -8.03 -22.68 -4.74
CA SER A 187 -7.98 -22.68 -4.76
C SER A 187 -8.71 -21.37 -5.12
N SER A 188 -9.01 -20.51 -4.13
CA SER A 188 -9.56 -19.23 -4.39
C SER A 188 -8.57 -18.12 -4.74
N PHE A 189 -7.29 -18.44 -4.72
CA PHE A 189 -6.28 -17.46 -5.16
C PHE A 189 -5.32 -18.08 -6.18
N GLU A 190 -4.87 -17.26 -7.14
CA GLU A 190 -3.75 -17.60 -8.01
CA GLU A 190 -3.77 -17.58 -8.04
C GLU A 190 -2.60 -16.68 -7.63
N CYS A 191 -1.49 -17.29 -7.17
CA CYS A 191 -0.40 -16.55 -6.56
C CYS A 191 0.85 -16.47 -7.37
N THR A 192 1.57 -15.36 -7.26
CA THR A 192 2.87 -15.16 -7.88
C THR A 192 3.75 -14.43 -6.87
N HIS A 193 5.00 -14.87 -6.80
CA HIS A 193 5.96 -14.27 -5.87
C HIS A 193 6.97 -13.42 -6.67
N TYR A 194 7.18 -12.19 -6.25
CA TYR A 194 8.12 -11.29 -6.88
C TYR A 194 9.26 -11.00 -5.88
N SER A 195 10.41 -11.65 -6.10
CA SER A 195 11.51 -11.51 -5.19
C SER A 195 12.13 -10.17 -5.36
N SER A 196 12.53 -9.51 -4.30
CA SER A 196 13.11 -8.20 -4.36
C SER A 196 13.99 -7.98 -3.14
N TYR A 197 14.04 -6.74 -2.67
CA TYR A 197 14.87 -6.34 -1.55
C TYR A 197 14.06 -5.45 -0.64
N LEU A 198 14.34 -5.59 0.64
CA LEU A 198 13.83 -4.68 1.68
C LEU A 198 14.22 -3.27 1.30
N GLU A 199 13.30 -2.36 1.51
CA GLU A 199 13.51 -0.96 1.16
C GLU A 199 14.86 -0.46 1.76
N TYR A 200 15.69 0.09 0.90
CA TYR A 200 16.89 0.85 1.28
C TYR A 200 17.94 -0.05 1.86
N MET A 201 17.81 -1.38 1.71
CA MET A 201 18.68 -2.36 2.38
CA MET A 201 18.76 -2.30 2.30
C MET A 201 19.07 -3.48 1.42
N LYS A 202 20.26 -4.07 1.67
CA LYS A 202 20.70 -5.28 0.96
C LYS A 202 20.26 -6.52 1.74
N VAL A 203 18.95 -6.69 1.79
CA VAL A 203 18.31 -7.78 2.48
C VAL A 203 17.17 -8.21 1.56
N VAL A 204 17.06 -9.51 1.31
CA VAL A 204 16.00 -10.01 0.45
C VAL A 204 14.63 -9.83 1.08
N ASP A 205 13.66 -9.40 0.28
CA ASP A 205 12.26 -9.35 0.67
C ASP A 205 11.47 -9.69 -0.59
N GLY A 206 10.16 -9.61 -0.54
CA GLY A 206 9.38 -9.86 -1.72
C GLY A 206 7.98 -9.36 -1.59
N LEU A 207 7.33 -9.23 -2.74
CA LEU A 207 5.89 -9.03 -2.85
C LEU A 207 5.18 -10.30 -3.25
N GLU A 208 4.00 -10.56 -2.72
CA GLU A 208 3.17 -11.62 -3.22
C GLU A 208 1.97 -11.02 -3.89
N LYS A 209 1.67 -11.46 -5.11
CA LYS A 209 0.42 -11.13 -5.80
C LYS A 209 -0.51 -12.31 -5.66
N ALA A 210 -1.73 -12.12 -5.20
CA ALA A 210 -2.71 -13.19 -5.04
C ALA A 210 -3.97 -12.69 -5.68
N ILE A 211 -4.36 -13.31 -6.82
CA ILE A 211 -5.54 -12.91 -7.55
C ILE A 211 -6.72 -13.76 -7.06
N TYR A 212 -7.76 -13.08 -6.60
CA TYR A 212 -8.93 -13.75 -6.12
C TYR A 212 -9.73 -14.34 -7.28
N GLN A 213 -10.12 -15.60 -7.11
CA GLN A 213 -10.82 -16.39 -8.13
C GLN A 213 -12.28 -16.64 -7.82
N GLY A 214 -12.80 -16.15 -6.71
CA GLY A 214 -14.20 -16.42 -6.36
C GLY A 214 -14.24 -17.57 -5.37
N PRO A 215 -15.45 -17.89 -4.86
CA PRO A 215 -15.61 -18.95 -3.82
C PRO A 215 -15.67 -20.36 -4.44
MG MG B . 6.09 -2.57 4.05
CL CL C . 4.93 3.06 1.82
CL CL D . 15.00 0.57 -2.29
S SO4 E . -9.31 13.09 -11.55
O1 SO4 E . -8.79 14.14 -10.62
O2 SO4 E . -9.13 13.44 -12.98
O3 SO4 E . -10.77 12.86 -11.37
O4 SO4 E . -8.61 11.79 -11.26
C3' NHE F . 18.26 -1.94 9.83
C3' NHE F . 17.91 -2.28 10.04
C2' NHE F . 18.61 -0.60 10.47
C2' NHE F . 18.09 -1.34 11.22
C1' NHE F . 17.50 0.41 10.42
C1' NHE F . 17.53 0.01 10.84
C6' NHE F . 16.16 -0.23 10.78
C6' NHE F . 16.06 -0.04 10.40
N NHE F . 17.85 1.53 11.29
N NHE F . 17.64 1.07 11.83
C1 NHE F . 18.75 2.54 10.79
C1 NHE F . 17.60 2.41 11.23
C2 NHE F . 18.81 3.81 11.63
C2 NHE F . 18.11 3.58 12.05
S NHE F . 19.63 4.97 10.76
S NHE F . 17.98 5.02 11.18
O1 NHE F . 19.34 6.31 11.32
O1 NHE F . 16.53 5.26 10.82
O2 NHE F . 21.06 4.66 10.87
O2 NHE F . 18.52 6.05 12.13
O3 NHE F . 19.24 4.85 9.34
O3 NHE F . 18.74 4.95 9.89
C5' NHE F . 15.79 -1.49 9.96
C5' NHE F . 15.65 -1.26 9.61
C4' NHE F . 16.93 -2.03 9.10
C4' NHE F . 16.44 -2.53 9.84
C4 7JO G . 11.50 -4.45 8.16
C5 7JO G . 10.56 -3.62 8.81
C6 7JO G . 10.86 -3.14 10.11
C7 7JO G . 9.33 -3.21 8.11
C8 7JO G . 9.29 -3.06 6.72
C10 7JO G . 6.95 -2.42 6.84
C20 7JO G . -2.37 -0.05 10.32
C21 7JO G . -0.09 0.86 10.06
C22 7JO G . -0.80 -1.15 11.50
C26 7JO G . 1.00 1.35 11.04
C28 7JO G . -4.31 -1.43 10.93
C1 7JO G . 12.03 -3.49 10.74
C2 7JO G . 12.93 -4.29 10.08
C3 7JO G . 12.69 -4.80 8.80
C9 7JO G . 8.09 -2.68 6.09
C11 7JO G . 6.97 -2.48 8.22
C12 7JO G . 8.19 -2.84 8.81
F13 7JO G . 14.05 -4.58 10.64
C14 7JO G . 5.83 -2.04 9.07
N15 7JO G . 4.78 -1.41 8.48
O16 7JO G . 5.92 -2.19 10.31
O17 7JO G . 5.83 -2.17 6.13
O18 7JO G . 8.06 -2.52 4.75
N19 7JO G . -1.04 -0.07 10.62
C23 7JO G . -2.91 -1.15 11.04
N24 7JO G . -3.11 0.80 9.58
O25 7JO G . 0.69 0.16 9.11
N27 7JO G . -1.91 -1.85 11.71
C29 7JO G . -4.39 0.43 9.55
C30 7JO G . 1.84 1.00 8.82
C31 7JO G . 2.16 1.80 10.09
O32 7JO G . 0.49 2.41 11.90
N33 7JO G . -5.05 -0.60 10.14
N34 7JO G . -4.93 -2.45 11.52
C35 7JO G . 3.01 0.15 8.28
O36 7JO G . 2.10 3.20 9.81
C37 7JO G . 3.70 -0.81 9.24
C38 7JO G . 2.80 -1.91 9.81
#